data_6YTI
#
_entry.id   6YTI
#
_cell.length_a   91.518
_cell.length_b   63.873
_cell.length_c   79.410
_cell.angle_alpha   90.000
_cell.angle_beta   118.830
_cell.angle_gamma   90.000
#
_symmetry.space_group_name_H-M   'C 1 2 1'
#
loop_
_entity.id
_entity.type
_entity.pdbx_description
1 polymer 'Dual specificity protein kinase CLK1'
2 non-polymer 1,2-ETHANEDIOL
3 non-polymer 'methyl 9-[(2-fluoranyl-4-methoxy-phenyl)amino]-[1,3]thiazolo[5,4-f]quinazoline-2-carboximidate'
4 water water
#
_entity_poly.entity_id   1
_entity_poly.type   'polypeptide(L)'
_entity_poly.pdbx_seq_one_letter_code
;SMHLICQSGDVLSARYEIVDTLGEGAFGKVVECIDHKAGGRHVAVKIVKNVDRYCEAARSEIQVLEHLNTTDPNSTFRCV
QMLEWFEHHGHICIVFELLGLSTYDFIKENGFLPFRLDHIRKMAYQICKSVNFLHSNKLTHTDLKPENILFVQSDYTEAY
NPKIKRDERTLINPDIKVVDFGSATYDDEHHSTLVSTRHYRAPEVILALGWSQPCDVWSIGCILIEYYLGFTVFPTHDSK
EHLAMMERILGPLPKHMIQKTRKRKYFHHDRLDWDEHSSAGRYVSRACKPLKEFMLSQDVEHERLFDLIQKMLEYDPAKR
ITLREALKHPFFDLLKKSI
;
_entity_poly.pdbx_strand_id   A
#
loop_
_chem_comp.id
_chem_comp.type
_chem_comp.name
_chem_comp.formula
7A7 non-polymer 'methyl 9-[(2-fluoranyl-4-methoxy-phenyl)amino]-[1,3]thiazolo[5,4-f]quinazoline-2-carboximidate' 'C18 H14 F N5 O2 S'
EDO non-polymer 1,2-ETHANEDIOL 'C2 H6 O2'
#
# COMPACT_ATOMS: atom_id res chain seq x y z
N ILE A 5 -4.05 -16.53 -23.66
CA ILE A 5 -5.33 -15.75 -23.36
C ILE A 5 -4.98 -14.24 -23.32
N CYS A 6 -5.92 -13.38 -22.89
CA CYS A 6 -5.67 -11.99 -22.43
C CYS A 6 -5.46 -11.02 -23.62
N GLN A 7 -5.76 -11.41 -24.89
CA GLN A 7 -5.87 -10.46 -26.06
C GLN A 7 -7.26 -9.77 -26.13
N SER A 8 -7.33 -8.53 -26.62
CA SER A 8 -8.59 -7.75 -26.66
C SER A 8 -9.47 -8.25 -27.81
N GLY A 9 -10.78 -8.23 -27.59
CA GLY A 9 -11.72 -8.99 -28.42
C GLY A 9 -12.14 -10.30 -27.79
N ASP A 10 -11.27 -10.93 -26.98
CA ASP A 10 -11.58 -12.22 -26.28
C ASP A 10 -12.77 -12.04 -25.34
N VAL A 11 -13.58 -13.09 -25.21
CA VAL A 11 -14.75 -13.11 -24.32
C VAL A 11 -14.48 -14.14 -23.24
N LEU A 12 -14.68 -13.76 -21.98
CA LEU A 12 -14.43 -14.62 -20.82
C LEU A 12 -15.78 -15.06 -20.27
N SER A 13 -15.96 -16.35 -20.01
CA SER A 13 -17.18 -16.87 -19.33
C SER A 13 -18.43 -16.43 -20.11
N ALA A 14 -18.33 -16.40 -21.44
CA ALA A 14 -19.40 -16.05 -22.40
C ALA A 14 -20.08 -14.76 -21.95
N ARG A 15 -19.32 -13.73 -21.55
CA ARG A 15 -19.91 -12.55 -20.90
C ARG A 15 -19.02 -11.30 -21.00
N TYR A 16 -17.76 -11.42 -20.60
CA TYR A 16 -16.84 -10.27 -20.46
C TYR A 16 -15.96 -10.15 -21.72
N GLU A 17 -16.23 -9.13 -22.52
CA GLU A 17 -15.46 -8.79 -23.73
C GLU A 17 -14.27 -7.92 -23.35
N ILE A 18 -13.05 -8.45 -23.49
CA ILE A 18 -11.79 -7.69 -23.20
C ILE A 18 -11.73 -6.47 -24.15
N VAL A 19 -11.50 -5.28 -23.56
CA VAL A 19 -11.24 -4.04 -24.33
C VAL A 19 -9.87 -3.40 -24.02
N ASP A 20 -9.08 -3.76 -22.99
CA ASP A 20 -7.80 -3.03 -22.68
C ASP A 20 -6.89 -3.76 -21.66
N LEU A 22 -4.93 -3.18 -18.69
CA LEU A 22 -4.81 -2.22 -17.56
C LEU A 22 -3.52 -2.37 -16.72
N GLY A 23 -2.81 -3.49 -16.72
CA GLY A 23 -1.76 -3.71 -15.71
C GLY A 23 -1.35 -5.17 -15.58
N GLU A 24 -0.06 -5.44 -15.67
CA GLU A 24 0.52 -6.78 -15.41
C GLU A 24 1.05 -6.74 -13.98
N GLY A 25 1.83 -7.76 -13.60
CA GLY A 25 2.18 -8.03 -12.20
C GLY A 25 2.64 -9.46 -12.03
N ALA A 26 2.97 -9.83 -10.78
CA ALA A 26 3.42 -11.18 -10.34
C ALA A 26 2.27 -12.17 -10.52
N PHE A 27 1.04 -11.70 -10.25
CA PHE A 27 -0.20 -12.49 -10.03
C PHE A 27 -0.78 -12.96 -11.36
N GLY A 28 -0.45 -12.21 -12.42
CA GLY A 28 -1.15 -12.24 -13.72
C GLY A 28 -1.50 -10.83 -14.17
N LYS A 29 -2.70 -10.64 -14.73
CA LYS A 29 -3.05 -9.45 -15.56
C LYS A 29 -4.36 -8.93 -15.03
N VAL A 30 -4.58 -7.62 -15.08
CA VAL A 30 -5.92 -7.00 -14.93
C VAL A 30 -6.29 -6.34 -16.26
N VAL A 31 -7.44 -6.74 -16.82
CA VAL A 31 -8.00 -6.23 -18.12
C VAL A 31 -9.35 -5.55 -17.85
N GLU A 32 -9.71 -4.61 -18.71
CA GLU A 32 -11.04 -3.96 -18.73
C GLU A 32 -11.96 -4.75 -19.67
N CYS A 33 -13.21 -4.95 -19.29
CA CYS A 33 -14.17 -5.74 -20.09
C CYS A 33 -15.52 -5.04 -20.09
N ILE A 34 -16.19 -5.10 -21.22
CA ILE A 34 -17.65 -4.88 -21.26
C ILE A 34 -18.35 -6.11 -20.69
N ASP A 35 -19.22 -5.96 -19.68
CA ASP A 35 -20.14 -7.04 -19.23
C ASP A 35 -21.39 -7.10 -20.09
N HIS A 36 -21.42 -7.97 -21.07
CA HIS A 36 -22.57 -8.08 -21.99
C HIS A 36 -23.83 -8.50 -21.22
N LYS A 37 -23.77 -8.83 -19.92
CA LYS A 37 -24.95 -9.37 -19.16
C LYS A 37 -25.22 -8.53 -17.92
N ALA A 38 -24.74 -7.29 -17.91
CA ALA A 38 -25.03 -6.24 -16.92
C ALA A 38 -25.14 -4.91 -17.68
N GLY A 39 -25.90 -4.89 -18.77
CA GLY A 39 -26.15 -3.70 -19.62
C GLY A 39 -24.88 -3.12 -20.22
N GLY A 40 -23.84 -3.92 -20.47
CA GLY A 40 -22.56 -3.44 -21.04
C GLY A 40 -21.77 -2.60 -20.05
N ARG A 41 -22.06 -2.75 -18.78
CA ARG A 41 -21.20 -2.18 -17.72
C ARG A 41 -19.76 -2.59 -17.99
N HIS A 42 -18.82 -1.66 -17.90
CA HIS A 42 -17.37 -1.95 -17.94
C HIS A 42 -16.95 -2.46 -16.58
N VAL A 43 -16.08 -3.46 -16.56
CA VAL A 43 -15.55 -4.08 -15.33
C VAL A 43 -14.05 -4.28 -15.51
N ALA A 44 -13.34 -4.43 -14.41
CA ALA A 44 -11.94 -4.91 -14.35
C ALA A 44 -12.00 -6.39 -14.04
N VAL A 45 -11.18 -7.16 -14.71
CA VAL A 45 -11.08 -8.64 -14.45
C VAL A 45 -9.61 -9.00 -14.20
N LYS A 46 -9.36 -9.57 -13.03
CA LYS A 46 -8.02 -10.02 -12.66
C LYS A 46 -7.92 -11.48 -13.05
N ILE A 47 -7.05 -11.75 -13.99
CA ILE A 47 -6.71 -13.11 -14.47
C ILE A 47 -5.46 -13.49 -13.72
N VAL A 48 -5.53 -14.58 -12.95
CA VAL A 48 -4.45 -14.97 -12.01
C VAL A 48 -3.65 -16.09 -12.65
N LYS A 49 -2.32 -16.02 -12.56
CA LYS A 49 -1.44 -17.11 -13.05
C LYS A 49 -1.94 -18.43 -12.46
N ASN A 50 -1.91 -19.49 -13.28
CA ASN A 50 -2.22 -20.86 -12.82
C ASN A 50 -0.95 -21.39 -12.15
N VAL A 51 -0.65 -20.85 -10.96
CA VAL A 51 0.57 -21.12 -10.13
C VAL A 51 0.17 -21.18 -8.65
N ASP A 52 0.52 -22.29 -7.98
CA ASP A 52 0.07 -22.66 -6.61
C ASP A 52 0.01 -21.37 -5.74
N ARG A 53 1.12 -20.63 -5.58
CA ARG A 53 1.19 -19.41 -4.72
C ARG A 53 -0.01 -18.48 -5.02
N TYR A 54 -0.31 -18.27 -6.30
CA TYR A 54 -1.27 -17.24 -6.78
C TYR A 54 -2.71 -17.81 -6.74
N CYS A 55 -2.89 -19.05 -7.13
CA CYS A 55 -4.15 -19.80 -6.94
C CYS A 55 -4.59 -19.68 -5.47
N GLU A 56 -3.69 -20.01 -4.55
CA GLU A 56 -3.93 -19.97 -3.09
C GLU A 56 -4.46 -18.58 -2.77
N ALA A 57 -3.68 -17.56 -3.13
CA ALA A 57 -3.89 -16.15 -2.80
C ALA A 57 -5.24 -15.69 -3.37
N ALA A 58 -5.56 -16.12 -4.60
CA ALA A 58 -6.81 -15.72 -5.28
C ALA A 58 -8.01 -16.37 -4.55
N ARG A 59 -7.94 -17.66 -4.26
CA ARG A 59 -9.01 -18.37 -3.48
C ARG A 59 -9.23 -17.58 -2.18
N SER A 60 -8.15 -17.19 -1.52
CA SER A 60 -8.14 -16.46 -0.24
C SER A 60 -8.73 -15.04 -0.41
N GLU A 61 -8.47 -14.39 -1.53
CA GLU A 61 -8.90 -13.01 -1.79
C GLU A 61 -10.43 -13.03 -2.02
N ILE A 62 -10.94 -14.09 -2.62
CA ILE A 62 -12.39 -14.21 -2.93
C ILE A 62 -13.12 -14.37 -1.61
N GLN A 63 -12.62 -15.26 -0.75
CA GLN A 63 -13.11 -15.51 0.63
C GLN A 63 -13.21 -14.15 1.34
N VAL A 64 -12.11 -13.41 1.38
CA VAL A 64 -12.05 -12.11 2.10
C VAL A 64 -13.00 -11.10 1.44
N LEU A 65 -13.14 -11.16 0.15
CA LEU A 65 -13.98 -10.17 -0.53
C LEU A 65 -15.45 -10.52 -0.31
N GLU A 66 -15.82 -11.79 -0.17
CA GLU A 66 -17.22 -12.13 0.12
C GLU A 66 -17.57 -11.53 1.48
N HIS A 67 -16.65 -11.63 2.43
CA HIS A 67 -16.85 -11.12 3.79
C HIS A 67 -16.98 -9.60 3.74
N LEU A 68 -15.96 -8.93 3.22
CA LEU A 68 -15.90 -7.45 3.28
C LEU A 68 -17.08 -6.88 2.54
N ASN A 69 -17.42 -7.45 1.41
CA ASN A 69 -18.50 -6.86 0.58
C ASN A 69 -19.83 -7.10 1.26
N THR A 70 -20.05 -8.23 1.96
CA THR A 70 -21.38 -8.44 2.58
C THR A 70 -21.43 -7.69 3.92
N THR A 71 -20.33 -7.53 4.60
CA THR A 71 -20.26 -6.71 5.82
C THR A 71 -20.52 -5.22 5.50
N ASP A 72 -20.15 -4.77 4.32
CA ASP A 72 -20.16 -3.34 3.92
C ASP A 72 -20.75 -3.24 2.52
N PRO A 73 -22.02 -3.63 2.31
CA PRO A 73 -22.57 -3.71 0.97
C PRO A 73 -22.53 -2.37 0.24
N ASN A 74 -22.62 -1.22 0.94
CA ASN A 74 -22.66 0.13 0.29
C ASN A 74 -21.24 0.65 0.00
N SER A 75 -20.21 -0.07 0.44
CA SER A 75 -18.76 0.29 0.31
C SER A 75 -18.43 1.62 1.04
N THR A 76 -19.00 1.82 2.21
CA THR A 76 -18.70 3.01 3.01
C THR A 76 -17.19 3.00 3.30
N PHE A 77 -16.56 1.82 3.40
CA PHE A 77 -15.14 1.75 3.85
C PHE A 77 -14.22 1.52 2.67
N ARG A 78 -14.72 1.70 1.45
CA ARG A 78 -13.88 1.95 0.27
C ARG A 78 -12.94 0.78 0.02
N CYS A 79 -13.31 -0.46 0.37
CA CYS A 79 -12.68 -1.67 -0.22
C CYS A 79 -13.34 -1.93 -1.57
N VAL A 80 -12.56 -2.32 -2.56
CA VAL A 80 -13.05 -2.56 -3.95
C VAL A 80 -14.12 -3.64 -3.91
N GLN A 81 -15.17 -3.47 -4.68
CA GLN A 81 -16.30 -4.42 -4.75
C GLN A 81 -15.99 -5.54 -5.74
N MET A 82 -16.12 -6.80 -5.31
CA MET A 82 -16.03 -7.96 -6.20
C MET A 82 -17.43 -8.25 -6.72
N LEU A 83 -17.58 -8.39 -8.02
CA LEU A 83 -18.91 -8.64 -8.63
C LEU A 83 -19.18 -10.14 -8.77
N GLU A 84 -18.16 -10.92 -9.09
CA GLU A 84 -18.29 -12.34 -9.49
C GLU A 84 -16.87 -12.88 -9.63
N TRP A 85 -16.75 -14.19 -9.76
CA TRP A 85 -15.49 -14.91 -10.01
C TRP A 85 -15.82 -16.17 -10.79
N PHE A 86 -14.84 -16.74 -11.49
CA PHE A 86 -15.03 -17.89 -12.42
C PHE A 86 -13.67 -18.44 -12.86
N GLU A 87 -13.69 -19.54 -13.61
CA GLU A 87 -12.48 -20.17 -14.20
C GLU A 87 -12.58 -20.08 -15.71
N HIS A 88 -11.45 -19.74 -16.32
CA HIS A 88 -11.25 -19.58 -17.76
C HIS A 88 -9.96 -20.28 -18.11
N HIS A 89 -10.04 -21.39 -18.83
CA HIS A 89 -8.90 -22.29 -19.13
C HIS A 89 -8.07 -22.55 -17.86
N GLY A 90 -8.70 -22.87 -16.73
CA GLY A 90 -7.98 -23.26 -15.49
C GLY A 90 -7.27 -22.07 -14.84
N HIS A 91 -7.60 -20.86 -15.25
CA HIS A 91 -7.16 -19.61 -14.56
C HIS A 91 -8.33 -19.05 -13.77
N ILE A 92 -8.08 -18.64 -12.53
CA ILE A 92 -9.11 -17.96 -11.70
C ILE A 92 -9.20 -16.49 -12.15
N CYS A 93 -10.41 -16.06 -12.40
CA CYS A 93 -10.70 -14.70 -12.86
C CYS A 93 -11.61 -14.07 -11.85
N ILE A 94 -11.19 -12.92 -11.35
CA ILE A 94 -11.99 -12.14 -10.38
C ILE A 94 -12.45 -10.86 -11.05
N VAL A 95 -13.77 -10.64 -11.03
CA VAL A 95 -14.43 -9.45 -11.64
C VAL A 95 -14.63 -8.38 -10.53
N PHE A 96 -14.20 -7.16 -10.76
CA PHE A 96 -14.37 -6.07 -9.79
C PHE A 96 -15.06 -4.91 -10.47
N GLU A 97 -15.62 -4.02 -9.67
CA GLU A 97 -16.03 -2.68 -10.17
C GLU A 97 -14.81 -2.09 -10.88
N LEU A 98 -15.00 -1.26 -11.89
CA LEU A 98 -13.86 -0.62 -12.58
C LEU A 98 -13.54 0.73 -11.91
N LEU A 99 -12.32 0.84 -11.36
CA LEU A 99 -11.68 2.04 -10.77
C LEU A 99 -10.81 2.73 -11.83
N GLY A 100 -10.11 3.79 -11.44
CA GLY A 100 -9.09 4.46 -12.27
C GLY A 100 -7.68 3.96 -11.96
N LEU A 101 -6.69 4.78 -12.27
CA LEU A 101 -5.25 4.41 -12.13
C LEU A 101 -4.97 4.16 -10.65
N SER A 102 -4.01 3.29 -10.37
CA SER A 102 -3.38 3.19 -9.04
C SER A 102 -2.66 4.52 -8.81
N THR A 103 -2.41 4.84 -7.56
CA THR A 103 -1.70 6.05 -7.12
C THR A 103 -0.27 5.96 -7.63
N TYR A 104 0.30 4.73 -7.64
CA TYR A 104 1.65 4.45 -8.20
C TYR A 104 1.69 4.83 -9.69
N ASP A 105 0.69 4.41 -10.43
CA ASP A 105 0.65 4.60 -11.90
C ASP A 105 0.38 6.06 -12.21
N PHE A 106 -0.46 6.72 -11.39
CA PHE A 106 -0.70 8.19 -11.49
C PHE A 106 0.63 8.91 -11.27
N ILE A 107 1.36 8.55 -10.23
CA ILE A 107 2.57 9.31 -9.81
C ILE A 107 3.59 9.23 -10.93
N LYS A 108 3.80 8.01 -11.38
CA LYS A 108 4.70 7.65 -12.51
C LYS A 108 4.29 8.45 -13.77
N GLU A 109 3.00 8.43 -14.14
CA GLU A 109 2.51 9.10 -15.38
C GLU A 109 2.63 10.62 -15.15
N ASN A 110 2.92 11.04 -13.93
CA ASN A 110 3.07 12.45 -13.54
C ASN A 110 4.57 12.74 -13.40
N GLY A 111 5.41 11.93 -14.02
CA GLY A 111 6.87 12.17 -14.03
C GLY A 111 7.44 12.06 -12.64
N PHE A 112 6.89 11.14 -11.85
CA PHE A 112 7.30 10.87 -10.44
C PHE A 112 7.23 12.19 -9.64
N LEU A 113 6.25 13.04 -9.93
CA LEU A 113 5.98 14.27 -9.12
C LEU A 113 5.04 13.94 -7.97
N PRO A 114 5.30 14.53 -6.77
CA PRO A 114 4.41 14.36 -5.62
C PRO A 114 2.98 14.90 -5.74
N PHE A 115 2.12 14.38 -4.88
CA PHE A 115 0.74 14.89 -4.68
C PHE A 115 0.81 16.18 -3.88
N ARG A 116 -0.08 17.11 -4.17
CA ARG A 116 -0.18 18.31 -3.33
C ARG A 116 -0.81 17.95 -1.99
N LEU A 117 -0.62 18.82 -1.01
CA LEU A 117 -0.81 18.40 0.40
C LEU A 117 -2.30 18.12 0.66
N ASP A 118 -3.19 18.98 0.14
N ASP A 118 -3.21 18.96 0.17
CA ASP A 118 -4.66 18.88 0.33
CA ASP A 118 -4.67 18.80 0.42
C ASP A 118 -5.17 17.53 -0.19
C ASP A 118 -5.15 17.46 -0.16
N HIS A 119 -4.61 17.04 -1.31
CA HIS A 119 -4.93 15.71 -1.89
C HIS A 119 -4.37 14.61 -0.97
N ILE A 120 -3.18 14.77 -0.42
CA ILE A 120 -2.58 13.75 0.46
C ILE A 120 -3.48 13.63 1.70
N ARG A 121 -4.04 14.74 2.16
CA ARG A 121 -4.87 14.72 3.39
C ARG A 121 -6.10 13.86 3.16
N LYS A 122 -6.88 14.13 2.09
CA LYS A 122 -8.10 13.34 1.74
C LYS A 122 -7.70 11.89 1.54
N MET A 123 -6.63 11.61 0.79
CA MET A 123 -6.24 10.21 0.43
C MET A 123 -5.82 9.46 1.72
N ALA A 124 -5.03 10.13 2.58
CA ALA A 124 -4.53 9.56 3.84
C ALA A 124 -5.72 9.16 4.70
N TYR A 125 -6.71 10.03 4.75
CA TYR A 125 -7.88 9.82 5.61
C TYR A 125 -8.60 8.56 5.15
N GLN A 126 -8.91 8.49 3.87
CA GLN A 126 -9.66 7.34 3.27
C GLN A 126 -8.85 6.04 3.40
N ILE A 127 -7.54 6.10 3.24
CA ILE A 127 -6.71 4.88 3.40
C ILE A 127 -6.88 4.37 4.85
N CYS A 128 -6.76 5.27 5.82
CA CYS A 128 -6.81 4.92 7.28
C CYS A 128 -8.20 4.39 7.60
N LYS A 129 -9.23 4.99 7.01
CA LYS A 129 -10.65 4.57 7.20
C LYS A 129 -10.87 3.17 6.63
N SER A 130 -10.44 2.94 5.40
CA SER A 130 -10.61 1.63 4.72
C SER A 130 -9.91 0.53 5.53
N VAL A 131 -8.68 0.78 5.94
CA VAL A 131 -7.76 -0.27 6.46
C VAL A 131 -8.16 -0.52 7.89
N ASN A 132 -8.52 0.56 8.59
CA ASN A 132 -9.09 0.47 9.96
C ASN A 132 -10.32 -0.46 9.97
N PHE A 133 -11.15 -0.36 8.94
CA PHE A 133 -12.31 -1.26 8.74
C PHE A 133 -11.80 -2.70 8.65
N LEU A 134 -10.74 -2.99 7.89
CA LEU A 134 -10.20 -4.39 7.88
C LEU A 134 -9.76 -4.71 9.30
N HIS A 135 -9.08 -3.79 9.96
CA HIS A 135 -8.58 -3.97 11.34
C HIS A 135 -9.76 -4.28 12.29
N SER A 136 -10.93 -3.70 12.08
CA SER A 136 -12.14 -3.93 12.93
C SER A 136 -12.64 -5.37 12.73
N ASN A 137 -12.32 -5.96 11.58
CA ASN A 137 -12.87 -7.29 11.23
C ASN A 137 -11.74 -8.31 11.35
N LYS A 138 -10.83 -8.11 12.29
CA LYS A 138 -9.77 -9.09 12.64
C LYS A 138 -8.97 -9.47 11.38
N LEU A 139 -8.77 -8.49 10.47
CA LEU A 139 -7.93 -8.61 9.27
C LEU A 139 -6.74 -7.64 9.30
N THR A 140 -5.62 -8.12 8.74
CA THR A 140 -4.43 -7.35 8.37
C THR A 140 -4.24 -7.48 6.84
N HIS A 141 -4.04 -6.36 6.13
CA HIS A 141 -3.83 -6.33 4.66
C HIS A 141 -2.48 -6.96 4.32
N THR A 142 -1.42 -6.46 4.93
CA THR A 142 -0.02 -6.98 4.88
C THR A 142 0.72 -6.45 3.67
N ASP A 143 0.00 -5.95 2.66
CA ASP A 143 0.65 -5.56 1.38
C ASP A 143 0.19 -4.19 0.92
N LEU A 144 0.04 -3.23 1.82
CA LEU A 144 -0.39 -1.89 1.35
C LEU A 144 0.78 -1.19 0.67
N LYS A 145 0.49 -0.48 -0.38
CA LYS A 145 1.52 0.18 -1.21
C LYS A 145 0.77 0.97 -2.24
N PRO A 146 1.42 1.92 -2.91
CA PRO A 146 0.74 2.81 -3.84
C PRO A 146 0.06 2.04 -4.98
N GLU A 147 0.69 0.98 -5.47
CA GLU A 147 0.11 0.12 -6.53
C GLU A 147 -1.29 -0.38 -6.09
N ASN A 148 -1.52 -0.62 -4.78
CA ASN A 148 -2.75 -1.27 -4.26
C ASN A 148 -3.75 -0.22 -3.72
N ILE A 149 -3.50 1.07 -3.92
CA ILE A 149 -4.48 2.17 -3.63
C ILE A 149 -4.94 2.74 -4.97
N LEU A 150 -6.22 2.60 -5.35
CA LEU A 150 -6.66 3.07 -6.70
C LEU A 150 -7.61 4.25 -6.56
N PHE A 151 -7.49 5.21 -7.45
CA PHE A 151 -8.50 6.27 -7.61
C PHE A 151 -9.78 5.64 -8.12
N VAL A 152 -10.93 6.00 -7.54
CA VAL A 152 -12.28 5.69 -8.07
C VAL A 152 -12.31 6.14 -9.52
N GLN A 153 -11.56 7.22 -9.83
CA GLN A 153 -11.59 8.03 -11.06
C GLN A 153 -10.35 8.90 -11.14
N SER A 154 -9.52 8.76 -12.19
CA SER A 154 -8.16 9.33 -12.17
C SER A 154 -8.04 10.53 -13.14
N ASP A 155 -9.15 11.12 -13.57
CA ASP A 155 -9.14 12.28 -14.51
C ASP A 155 -8.35 13.45 -13.90
N TYR A 156 -7.61 14.19 -14.71
CA TYR A 156 -6.71 15.28 -14.23
C TYR A 156 -6.77 16.51 -15.13
N THR A 157 -6.22 17.59 -14.60
CA THR A 157 -5.88 18.85 -15.31
C THR A 157 -4.36 18.97 -15.34
N GLU A 158 -3.83 19.53 -16.40
CA GLU A 158 -2.38 19.68 -16.63
C GLU A 158 -2.05 21.19 -16.61
N ALA A 159 -0.91 21.57 -16.05
CA ALA A 159 -0.46 22.98 -16.01
C ALA A 159 1.02 23.07 -15.58
N TYR A 160 1.74 24.04 -16.15
CA TYR A 160 3.21 24.24 -15.98
C TYR A 160 3.49 24.77 -14.55
N ASN A 161 4.74 24.71 -14.06
CA ASN A 161 5.08 25.10 -12.66
C ASN A 161 6.58 25.34 -12.50
N PRO A 162 6.98 26.61 -12.26
CA PRO A 162 8.24 26.91 -11.56
C PRO A 162 8.22 26.48 -10.08
N ARG A 166 8.37 22.61 -15.19
CA ARG A 166 7.92 21.18 -15.13
C ARG A 166 6.39 21.08 -15.20
N ASP A 167 5.83 20.41 -16.21
CA ASP A 167 4.36 20.19 -16.37
C ASP A 167 3.84 19.22 -15.29
N GLU A 168 2.61 19.47 -14.78
CA GLU A 168 2.02 18.86 -13.56
C GLU A 168 0.58 18.44 -13.81
N ARG A 169 0.20 17.31 -13.25
CA ARG A 169 -1.17 16.79 -13.30
C ARG A 169 -1.76 16.82 -11.89
N THR A 170 -2.94 17.39 -11.74
CA THR A 170 -3.74 17.44 -10.50
C THR A 170 -4.99 16.61 -10.73
N LEU A 171 -5.38 15.79 -9.76
CA LEU A 171 -6.65 15.05 -9.80
C LEU A 171 -7.84 16.00 -9.62
N ILE A 172 -8.87 15.78 -10.44
CA ILE A 172 -10.23 16.35 -10.26
C ILE A 172 -10.77 15.78 -8.95
N ASN A 173 -10.83 14.45 -8.83
CA ASN A 173 -11.36 13.78 -7.62
C ASN A 173 -10.31 12.84 -7.06
N PRO A 174 -9.74 13.13 -5.86
CA PRO A 174 -8.73 12.24 -5.29
C PRO A 174 -9.30 11.03 -4.52
N ASP A 175 -10.60 10.73 -4.62
CA ASP A 175 -11.13 9.58 -3.83
C ASP A 175 -10.43 8.27 -4.23
N ILE A 176 -10.22 7.39 -3.28
CA ILE A 176 -9.53 6.11 -3.52
C ILE A 176 -10.35 4.94 -3.00
N LYS A 177 -9.96 3.75 -3.46
CA LYS A 177 -10.30 2.48 -2.84
C LYS A 177 -9.01 1.68 -2.69
N VAL A 178 -9.11 0.63 -1.88
CA VAL A 178 -8.01 -0.30 -1.54
C VAL A 178 -8.29 -1.61 -2.29
N VAL A 179 -7.25 -2.26 -2.83
CA VAL A 179 -7.41 -3.52 -3.62
C VAL A 179 -6.37 -4.54 -3.18
N ASP A 180 -6.51 -5.76 -3.71
CA ASP A 180 -5.59 -6.88 -3.49
C ASP A 180 -5.72 -7.32 -2.04
N PHE A 181 -6.58 -8.32 -1.83
CA PHE A 181 -6.81 -8.94 -0.52
C PHE A 181 -6.23 -10.34 -0.56
N GLY A 182 -5.29 -10.59 -1.48
CA GLY A 182 -4.70 -11.94 -1.65
C GLY A 182 -3.74 -12.33 -0.53
N SER A 183 -3.19 -11.37 0.19
CA SER A 183 -2.26 -11.59 1.33
C SER A 183 -2.97 -11.30 2.65
N ALA A 184 -4.16 -10.72 2.61
CA ALA A 184 -4.91 -10.35 3.83
C ALA A 184 -5.03 -11.60 4.74
N THR A 185 -4.76 -11.45 6.05
CA THR A 185 -4.72 -12.57 7.03
C THR A 185 -5.62 -12.25 8.24
N TYR A 186 -6.43 -13.23 8.69
CA TYR A 186 -7.32 -13.15 9.86
C TYR A 186 -6.48 -13.33 11.10
N ASP A 187 -6.91 -12.76 12.23
CA ASP A 187 -6.16 -12.77 13.52
C ASP A 187 -5.73 -14.20 13.89
N ASP A 188 -6.57 -15.18 13.60
CA ASP A 188 -6.43 -16.56 14.13
C ASP A 188 -5.82 -17.46 13.05
N GLU A 189 -5.70 -16.95 11.82
CA GLU A 189 -5.16 -17.66 10.64
C GLU A 189 -3.64 -17.69 10.76
N HIS A 190 -2.98 -18.65 10.11
CA HIS A 190 -1.51 -18.78 10.15
C HIS A 190 -0.87 -17.53 9.56
N HIS A 191 0.18 -17.06 10.26
CA HIS A 191 0.93 -15.80 9.97
C HIS A 191 2.27 -16.12 9.30
N SER A 192 2.39 -15.86 7.99
CA SER A 192 3.64 -16.06 7.21
C SER A 192 4.76 -15.22 7.85
N THR A 193 6.00 -15.69 7.85
CA THR A 193 7.19 -14.88 8.25
C THR A 193 7.36 -13.67 7.31
N LEU A 194 7.48 -13.87 5.99
CA LEU A 194 7.65 -12.75 5.01
C LEU A 194 6.26 -12.19 4.67
N VAL A 195 6.08 -10.89 4.94
CA VAL A 195 4.92 -10.12 4.40
C VAL A 195 5.40 -8.73 3.91
N SER A 196 4.62 -8.17 2.97
CA SER A 196 4.71 -6.79 2.46
C SER A 196 5.78 -6.76 1.37
N THR A 197 5.69 -5.77 0.48
CA THR A 197 6.73 -5.45 -0.54
C THR A 197 7.85 -4.70 0.17
N ARG A 198 9.04 -5.26 0.21
CA ARG A 198 10.21 -4.74 0.97
C ARG A 198 10.03 -3.28 1.42
N HIS A 199 9.80 -2.33 0.51
CA HIS A 199 9.90 -0.87 0.81
C HIS A 199 8.81 -0.47 1.83
N TYR A 200 7.78 -1.28 2.01
CA TYR A 200 6.67 -0.96 2.94
C TYR A 200 6.63 -1.99 4.09
N ARG A 201 7.70 -2.80 4.24
CA ARG A 201 7.79 -3.87 5.28
C ARG A 201 8.16 -3.29 6.67
N ALA A 202 7.30 -3.48 7.67
CA ALA A 202 7.53 -3.08 9.09
C ALA A 202 8.74 -3.77 9.72
N PRO A 203 9.42 -3.08 10.67
CA PRO A 203 10.53 -3.67 11.42
C PRO A 203 10.15 -4.94 12.22
N GLU A 204 8.91 -5.09 12.66
CA GLU A 204 8.56 -6.33 13.41
C GLU A 204 8.60 -7.50 12.42
N VAL A 205 8.36 -7.22 11.14
CA VAL A 205 8.36 -8.24 10.07
C VAL A 205 9.79 -8.65 9.76
N ILE A 206 10.67 -7.68 9.57
CA ILE A 206 12.07 -7.98 9.18
C ILE A 206 12.69 -8.78 10.31
N LEU A 207 12.31 -8.47 11.55
CA LEU A 207 12.98 -9.02 12.76
C LEU A 207 12.24 -10.28 13.22
N ALA A 208 11.13 -10.65 12.55
CA ALA A 208 10.37 -11.91 12.74
C ALA A 208 9.93 -11.95 14.20
N LEU A 209 9.50 -10.80 14.68
CA LEU A 209 9.03 -10.67 16.07
C LEU A 209 7.51 -10.92 16.07
N GLY A 210 6.96 -11.34 14.92
CA GLY A 210 5.50 -11.55 14.76
C GLY A 210 4.85 -10.21 14.56
N TRP A 211 3.76 -10.17 13.79
CA TRP A 211 3.17 -8.93 13.26
C TRP A 211 1.65 -8.99 13.32
N SER A 212 0.97 -7.87 13.26
CA SER A 212 -0.50 -7.89 13.09
C SER A 212 -0.89 -6.54 12.51
N GLN A 213 -2.13 -6.11 12.76
CA GLN A 213 -2.68 -4.81 12.27
C GLN A 213 -1.60 -3.75 12.21
N PRO A 214 -0.78 -3.54 13.25
CA PRO A 214 0.25 -2.50 13.20
C PRO A 214 1.18 -2.52 11.96
N CYS A 215 1.50 -3.68 11.37
CA CYS A 215 2.40 -3.71 10.16
C CYS A 215 1.73 -2.93 9.02
N ASP A 216 0.40 -2.80 9.02
CA ASP A 216 -0.33 -2.01 7.99
C ASP A 216 -0.07 -0.54 8.28
N VAL A 217 -0.06 -0.16 9.52
CA VAL A 217 0.17 1.27 9.86
C VAL A 217 1.55 1.68 9.35
N TRP A 218 2.57 0.87 9.57
CA TRP A 218 3.92 1.23 9.07
C TRP A 218 3.87 1.41 7.54
N SER A 219 3.27 0.45 6.84
CA SER A 219 3.10 0.48 5.36
C SER A 219 2.47 1.83 4.98
N ILE A 220 1.47 2.29 5.72
CA ILE A 220 0.69 3.49 5.31
C ILE A 220 1.62 4.70 5.46
N GLY A 221 2.38 4.71 6.53
CA GLY A 221 3.29 5.84 6.78
C GLY A 221 4.26 5.97 5.64
N CYS A 222 4.78 4.83 5.17
CA CYS A 222 5.71 4.74 4.02
C CYS A 222 5.00 5.26 2.79
N ILE A 223 3.73 4.92 2.67
CA ILE A 223 2.95 5.35 1.49
C ILE A 223 2.82 6.86 1.54
N LEU A 224 2.63 7.43 2.73
CA LEU A 224 2.34 8.87 2.87
C LEU A 224 3.60 9.67 2.54
N ILE A 225 4.77 9.23 2.96
CA ILE A 225 6.07 9.87 2.55
C ILE A 225 6.18 9.83 1.03
N GLU A 226 5.89 8.68 0.46
CA GLU A 226 6.11 8.46 -0.98
C GLU A 226 5.20 9.44 -1.74
N TYR A 227 3.98 9.64 -1.28
CA TYR A 227 3.02 10.56 -1.90
C TYR A 227 3.56 11.99 -1.80
N TYR A 228 4.21 12.29 -0.68
CA TYR A 228 4.70 13.63 -0.35
C TYR A 228 5.91 13.95 -1.23
N LEU A 229 6.83 13.01 -1.39
CA LEU A 229 8.14 13.23 -2.02
C LEU A 229 8.11 12.79 -3.50
N GLY A 230 7.40 11.73 -3.83
CA GLY A 230 7.39 11.14 -5.18
C GLY A 230 8.35 9.97 -5.31
N PHE A 231 9.09 9.70 -4.24
CA PHE A 231 10.04 8.57 -4.16
C PHE A 231 9.94 7.98 -2.77
N THR A 232 10.38 6.74 -2.61
CA THR A 232 10.43 6.01 -1.31
C THR A 232 11.64 6.51 -0.51
N VAL A 233 11.55 6.49 0.81
CA VAL A 233 12.73 6.84 1.67
C VAL A 233 13.51 5.57 1.98
N PHE A 234 13.03 4.41 1.49
CA PHE A 234 13.73 3.10 1.62
C PHE A 234 13.99 2.49 0.25
N PRO A 235 14.82 3.13 -0.59
CA PRO A 235 15.10 2.60 -1.93
C PRO A 235 16.05 1.39 -1.88
N THR A 236 15.57 0.21 -1.48
CA THR A 236 16.44 -0.97 -1.19
C THR A 236 15.77 -2.28 -1.59
N HIS A 237 16.59 -3.28 -1.90
CA HIS A 237 16.22 -4.71 -2.14
C HIS A 237 17.09 -5.62 -1.26
N ASP A 238 17.29 -5.24 0.01
CA ASP A 238 18.13 -5.95 1.04
C ASP A 238 17.62 -5.61 2.46
N SER A 239 17.54 -6.60 3.33
CA SER A 239 16.92 -6.46 4.66
C SER A 239 17.81 -5.62 5.56
N LYS A 240 19.09 -5.95 5.59
CA LYS A 240 20.04 -5.28 6.49
C LYS A 240 20.12 -3.81 6.09
N GLU A 241 20.26 -3.56 4.79
CA GLU A 241 20.27 -2.19 4.20
C GLU A 241 19.05 -1.42 4.66
N HIS A 242 17.89 -2.08 4.64
CA HIS A 242 16.57 -1.55 5.05
C HIS A 242 16.63 -1.06 6.51
N LEU A 243 17.15 -1.91 7.40
CA LEU A 243 17.30 -1.59 8.84
C LEU A 243 18.25 -0.40 9.00
N ALA A 244 19.32 -0.34 8.20
CA ALA A 244 20.32 0.74 8.22
C ALA A 244 19.66 2.06 7.78
N MET A 245 18.82 2.02 6.76
CA MET A 245 18.13 3.22 6.26
C MET A 245 17.20 3.73 7.36
N MET A 246 16.46 2.81 8.02
CA MET A 246 15.58 3.11 9.19
C MET A 246 16.37 3.84 10.27
N GLU A 247 17.63 3.46 10.51
CA GLU A 247 18.47 4.07 11.57
C GLU A 247 18.78 5.53 11.26
N ARG A 248 19.33 5.81 10.08
CA ARG A 248 19.75 7.18 9.70
C ARG A 248 18.48 8.05 9.65
N ILE A 249 17.30 7.49 9.32
CA ILE A 249 16.04 8.27 9.13
C ILE A 249 15.22 8.35 10.42
N LEU A 250 15.15 7.28 11.22
CA LEU A 250 14.19 7.17 12.36
C LEU A 250 14.90 7.07 13.70
N GLY A 251 16.22 7.01 13.75
CA GLY A 251 16.99 6.81 14.99
C GLY A 251 17.26 5.33 15.27
N PRO A 252 18.05 4.97 16.30
CA PRO A 252 18.38 3.57 16.59
C PRO A 252 17.14 2.70 16.83
N LEU A 253 17.21 1.44 16.38
CA LEU A 253 16.23 0.39 16.75
C LEU A 253 16.19 0.32 18.25
N PRO A 254 15.02 0.01 18.83
CA PRO A 254 14.89 -0.22 20.27
C PRO A 254 15.76 -1.37 20.79
N LYS A 255 16.31 -1.21 22.00
CA LYS A 255 17.12 -2.25 22.69
C LYS A 255 16.34 -3.58 22.67
N HIS A 256 15.08 -3.59 23.08
CA HIS A 256 14.34 -4.86 23.34
C HIS A 256 14.18 -5.67 22.05
N MET A 257 13.82 -5.03 20.93
CA MET A 257 13.52 -5.71 19.64
C MET A 257 14.79 -6.38 19.09
N ILE A 258 15.92 -5.71 19.20
CA ILE A 258 17.22 -6.28 18.77
C ILE A 258 17.48 -7.57 19.56
N GLN A 259 17.21 -7.61 20.87
CA GLN A 259 17.63 -8.77 21.71
C GLN A 259 16.53 -9.85 21.70
N LYS A 260 15.32 -9.57 21.25
CA LYS A 260 14.29 -10.63 21.05
C LYS A 260 14.56 -11.40 19.74
N THR A 261 14.98 -10.68 18.67
CA THR A 261 14.97 -11.21 17.28
C THR A 261 15.87 -12.45 17.20
N ARG A 262 15.32 -13.53 16.62
CA ARG A 262 16.06 -14.71 16.15
C ARG A 262 16.84 -14.39 14.88
N LYS A 263 16.62 -13.19 14.29
CA LYS A 263 17.25 -12.74 13.01
C LYS A 263 18.63 -12.21 13.34
N ARG A 264 19.42 -13.02 14.03
CA ARG A 264 20.67 -12.58 14.67
C ARG A 264 21.68 -12.25 13.59
N LYS A 265 21.52 -12.83 12.40
CA LYS A 265 22.49 -12.70 11.28
C LYS A 265 22.71 -11.21 10.97
N TYR A 266 21.67 -10.35 11.11
CA TYR A 266 21.72 -8.88 10.84
C TYR A 266 22.51 -8.15 11.93
N PHE A 267 22.94 -8.84 12.98
CA PHE A 267 23.52 -8.20 14.19
C PHE A 267 24.92 -8.71 14.51
N HIS A 268 25.73 -7.74 14.92
CA HIS A 268 27.04 -7.89 15.59
C HIS A 268 26.85 -7.41 17.02
N HIS A 269 26.76 -8.34 17.99
CA HIS A 269 26.45 -8.03 19.40
C HIS A 269 25.08 -7.35 19.46
N ASP A 270 24.99 -6.12 19.96
CA ASP A 270 23.68 -5.39 20.02
C ASP A 270 23.58 -4.28 18.96
N ARG A 271 24.65 -3.95 18.23
CA ARG A 271 24.62 -2.92 17.13
C ARG A 271 24.21 -3.63 15.83
N LEU A 272 23.51 -2.93 14.93
CA LEU A 272 23.37 -3.41 13.52
C LEU A 272 24.79 -3.62 12.94
N ASP A 273 25.01 -4.79 12.32
CA ASP A 273 26.30 -5.25 11.73
C ASP A 273 26.45 -4.61 10.34
N TRP A 274 26.96 -3.38 10.32
CA TRP A 274 26.84 -2.43 9.18
C TRP A 274 28.19 -1.76 8.95
N ASP A 275 28.73 -1.92 7.74
CA ASP A 275 29.93 -1.21 7.25
C ASP A 275 29.50 0.11 6.63
N GLU A 276 29.91 1.24 7.22
CA GLU A 276 29.59 2.63 6.79
C GLU A 276 30.30 2.95 5.47
N HIS A 277 31.46 2.33 5.24
CA HIS A 277 32.48 2.74 4.24
C HIS A 277 32.43 1.84 2.99
N SER A 278 31.76 0.69 3.10
CA SER A 278 31.32 -0.21 2.00
C SER A 278 30.33 0.52 1.08
N SER A 279 30.15 -0.03 -0.12
CA SER A 279 29.31 0.49 -1.23
C SER A 279 27.94 0.91 -0.70
N ALA A 280 27.24 0.01 -0.02
CA ALA A 280 25.85 0.23 0.46
C ALA A 280 25.89 1.20 1.64
N GLY A 281 26.90 1.09 2.50
CA GLY A 281 27.20 2.08 3.56
C GLY A 281 27.16 3.51 3.01
N ARG A 282 27.98 3.79 2.00
CA ARG A 282 28.12 5.12 1.37
C ARG A 282 26.78 5.59 0.81
N TYR A 283 26.00 4.66 0.24
CA TYR A 283 24.67 4.93 -0.35
C TYR A 283 23.74 5.45 0.75
N VAL A 284 23.73 4.76 1.90
CA VAL A 284 22.80 5.06 3.01
C VAL A 284 23.12 6.44 3.61
N SER A 285 24.40 6.68 3.89
CA SER A 285 24.92 8.00 4.33
C SER A 285 24.35 9.10 3.44
N ARG A 286 24.67 9.05 2.13
CA ARG A 286 24.41 10.15 1.17
C ARG A 286 22.87 10.32 1.04
N ALA A 287 22.12 9.23 0.86
CA ALA A 287 20.72 9.23 0.34
C ALA A 287 19.69 9.31 1.48
N CYS A 288 20.11 8.99 2.70
CA CYS A 288 19.23 8.91 3.90
C CYS A 288 19.68 9.96 4.92
N LYS A 289 18.74 10.45 5.71
CA LYS A 289 18.94 11.53 6.72
C LYS A 289 17.70 11.57 7.61
N PRO A 290 17.76 12.29 8.76
CA PRO A 290 16.62 12.39 9.67
C PRO A 290 15.33 12.80 8.96
N LEU A 291 14.29 12.01 9.18
CA LEU A 291 12.95 12.13 8.55
C LEU A 291 12.53 13.59 8.34
N LYS A 292 12.55 14.43 9.39
CA LYS A 292 11.93 15.78 9.34
C LYS A 292 12.64 16.62 8.29
N GLU A 293 13.88 16.29 7.92
CA GLU A 293 14.71 17.03 6.93
C GLU A 293 14.19 16.87 5.50
N PHE A 294 13.34 15.89 5.25
CA PHE A 294 12.66 15.69 3.95
C PHE A 294 11.50 16.67 3.82
N MET A 295 11.15 17.40 4.86
CA MET A 295 10.01 18.36 4.78
C MET A 295 10.35 19.43 3.73
N LEU A 296 9.34 19.82 2.96
CA LEU A 296 9.46 20.73 1.81
C LEU A 296 9.05 22.13 2.25
N SER A 297 8.22 22.20 3.31
CA SER A 297 7.83 23.41 4.04
C SER A 297 7.91 23.17 5.54
N GLN A 298 8.08 24.26 6.28
CA GLN A 298 7.88 24.35 7.75
C GLN A 298 6.43 24.75 8.07
N ASP A 299 5.56 24.96 7.08
CA ASP A 299 4.11 25.19 7.36
C ASP A 299 3.59 24.21 8.41
N VAL A 300 2.68 24.66 9.26
CA VAL A 300 2.00 23.85 10.30
C VAL A 300 1.41 22.56 9.67
N GLU A 301 0.72 22.66 8.53
CA GLU A 301 0.04 21.48 7.95
C GLU A 301 1.10 20.47 7.47
N HIS A 302 2.26 20.92 7.05
CA HIS A 302 3.39 20.04 6.71
C HIS A 302 3.88 19.39 7.99
N GLU A 303 3.97 20.19 9.06
CA GLU A 303 4.49 19.73 10.37
C GLU A 303 3.53 18.69 10.93
N ARG A 304 2.26 18.86 10.62
CA ARG A 304 1.15 18.03 11.11
C ARG A 304 1.14 16.65 10.44
N LEU A 305 1.31 16.62 9.12
CA LEU A 305 1.50 15.36 8.34
C LEU A 305 2.72 14.61 8.89
N PHE A 306 3.80 15.34 9.09
CA PHE A 306 5.08 14.74 9.49
C PHE A 306 4.99 14.18 10.89
N ASP A 307 4.27 14.83 11.78
CA ASP A 307 4.02 14.32 13.14
C ASP A 307 3.26 12.98 13.01
N LEU A 308 2.24 12.94 12.16
CA LEU A 308 1.47 11.69 11.92
C LEU A 308 2.37 10.60 11.28
N ILE A 309 3.08 10.91 10.21
CA ILE A 309 4.04 9.95 9.61
C ILE A 309 4.98 9.41 10.71
N GLN A 310 5.60 10.28 11.51
CA GLN A 310 6.56 9.86 12.57
C GLN A 310 5.92 8.83 13.54
N LYS A 311 4.65 9.04 13.90
CA LYS A 311 3.89 8.13 14.78
C LYS A 311 3.66 6.80 14.07
N MET A 312 3.32 6.85 12.80
CA MET A 312 3.06 5.66 11.99
C MET A 312 4.35 4.82 11.85
N LEU A 313 5.53 5.43 12.04
CA LEU A 313 6.85 4.73 11.90
C LEU A 313 7.53 4.66 13.26
N GLU A 314 6.73 4.51 14.31
CA GLU A 314 7.13 4.04 15.65
C GLU A 314 7.65 2.59 15.47
N TYR A 315 8.89 2.35 15.90
CA TYR A 315 9.54 1.01 15.82
C TYR A 315 8.67 -0.03 16.54
N ASP A 316 8.29 0.23 17.79
CA ASP A 316 7.53 -0.76 18.62
C ASP A 316 6.09 -0.79 18.17
N PRO A 317 5.62 -1.91 17.59
CA PRO A 317 4.26 -1.98 17.06
C PRO A 317 3.15 -1.84 18.11
N ALA A 318 3.43 -2.18 19.38
CA ALA A 318 2.51 -1.89 20.51
C ALA A 318 2.34 -0.36 20.64
N LYS A 319 3.45 0.37 20.66
CA LYS A 319 3.43 1.84 20.86
C LYS A 319 2.89 2.51 19.59
N ARG A 320 3.13 1.90 18.44
CA ARG A 320 2.70 2.45 17.14
C ARG A 320 1.23 2.89 17.24
N ILE A 321 0.94 4.08 16.72
CA ILE A 321 -0.41 4.67 16.70
C ILE A 321 -1.29 3.68 15.94
N THR A 322 -2.56 3.56 16.31
CA THR A 322 -3.53 2.72 15.59
C THR A 322 -4.23 3.59 14.54
N LEU A 323 -4.91 2.95 13.59
CA LEU A 323 -5.61 3.72 12.53
C LEU A 323 -6.80 4.44 13.15
N ARG A 324 -7.46 3.84 14.14
CA ARG A 324 -8.49 4.52 14.97
C ARG A 324 -7.92 5.84 15.54
N GLU A 325 -6.74 5.83 16.15
CA GLU A 325 -6.11 7.08 16.64
C GLU A 325 -5.74 8.01 15.47
N ALA A 326 -5.28 7.41 14.36
CA ALA A 326 -4.74 8.14 13.19
C ALA A 326 -5.85 9.02 12.62
N LEU A 327 -7.07 8.54 12.63
CA LEU A 327 -8.20 9.27 12.04
C LEU A 327 -8.52 10.50 12.87
N LYS A 328 -8.11 10.52 14.15
CA LYS A 328 -8.38 11.67 15.05
C LYS A 328 -7.14 12.58 15.13
N HIS A 329 -6.09 12.29 14.36
CA HIS A 329 -4.87 13.14 14.29
C HIS A 329 -5.23 14.51 13.73
N PRO A 330 -4.56 15.57 14.24
CA PRO A 330 -4.74 16.94 13.76
C PRO A 330 -4.70 17.22 12.26
N PHE A 331 -3.81 16.57 11.56
CA PHE A 331 -3.66 16.69 10.09
C PHE A 331 -5.02 16.54 9.43
N PHE A 332 -5.98 15.87 10.05
CA PHE A 332 -7.30 15.59 9.44
C PHE A 332 -8.37 16.60 9.88
N ASP A 333 -8.09 17.42 10.90
CA ASP A 333 -8.97 18.50 11.44
C ASP A 333 -9.54 19.34 10.28
N LEU A 334 -8.67 19.77 9.37
CA LEU A 334 -9.06 20.54 8.16
C LEU A 334 -10.25 19.86 7.44
N LEU A 335 -10.34 18.52 7.45
CA LEU A 335 -11.45 17.77 6.78
C LEU A 335 -12.76 17.84 7.59
N LYS A 336 -12.68 18.25 8.86
CA LYS A 336 -13.82 18.18 9.81
C LYS A 336 -14.44 19.58 9.98
N LYS A 337 -13.76 20.63 9.44
CA LYS A 337 -14.22 22.04 9.29
C LYS A 337 -15.17 22.12 8.08
C1 EDO B . -21.08 -0.07 -22.99
O1 EDO B . -22.02 -1.10 -23.11
C2 EDO B . -19.75 -0.50 -23.52
O2 EDO B . -18.84 0.54 -23.82
C1 EDO C . -3.49 -15.54 3.20
O1 EDO C . -2.67 -15.40 2.06
C2 EDO C . -2.71 -15.84 4.43
O2 EDO C . -3.40 -16.68 5.35
C1 EDO D . 1.58 -12.61 15.10
O1 EDO D . 0.21 -12.86 15.41
C2 EDO D . 2.28 -13.76 14.45
O2 EDO D . 3.15 -13.39 13.37
C1 EDO E . 7.20 -19.33 7.10
O1 EDO E . 7.67 -19.27 8.44
C2 EDO E . 5.69 -19.20 7.06
O2 EDO E . 5.08 -19.66 5.86
C4 7A7 F . -6.27 -5.92 -8.00
C5 7A7 F . -5.96 -4.90 -8.93
C6 7A7 F . -4.54 -4.66 -9.13
N1 7A7 F . -3.62 -5.41 -8.50
N3 7A7 F . -5.32 -6.65 -7.36
FAD 7A7 F . -2.36 -4.83 -11.54
CAT 7A7 F . -1.93 -3.71 -10.92
CAJ 7A7 F . -0.70 -3.20 -11.23
CAS 7A7 F . -0.32 -2.00 -10.66
OAP 7A7 F . 0.91 -1.60 -11.14
CAB 7A7 F . 1.43 -0.35 -10.70
CAF 7A7 F . -1.17 -1.35 -9.77
CAG 7A7 F . -2.40 -1.89 -9.47
CAU 7A7 F . -2.82 -3.08 -10.04
NAN 7A7 F . -4.12 -3.61 -9.87
C2 7A7 F . -4.07 -6.33 -7.67
CAH 7A7 F . -7.62 -6.21 -7.69
CAI 7A7 F . -8.63 -5.47 -8.23
CAY 7A7 F . -8.36 -4.45 -9.13
NAM 7A7 F . -9.30 -3.61 -9.72
CAZ 7A7 F . -7.05 -4.19 -9.51
SAQ 7A7 F . -6.99 -2.92 -10.68
CAW 7A7 F . -8.72 -2.78 -10.55
CAR 7A7 F . -9.48 -1.84 -11.27
NAC 7A7 F . -10.67 -1.88 -10.86
OAO 7A7 F . -9.08 -1.04 -12.29
CAA 7A7 F . -7.68 -0.72 -12.54
#